data_3E7F
#
_entry.id   3E7F
#
_cell.length_a   49.660
_cell.length_b   87.000
_cell.length_c   64.910
_cell.angle_alpha   90.00
_cell.angle_beta   96.43
_cell.angle_gamma   90.00
#
_symmetry.space_group_name_H-M   'P 1 21 1'
#
loop_
_entity.id
_entity.type
_entity.pdbx_description
1 polymer 6-phosphogluconolactonase
2 non-polymer 'ZINC ION'
3 non-polymer '6-PHOSPHOGLUCONIC ACID'
4 water water
#
_entity_poly.entity_id   1
_entity_poly.type   'polypeptide(L)'
_entity_poly.pdbx_seq_one_letter_code
;SFKPTISVHATPQELSAAGCRKIVEIIEASGSQQWPLSIALAGGSTPKMTYARLHDEHLNLLREKRALRFFMGDERMVPA
DSTDSNYNMAREVLLHDIPDDLVFPFDTSAVTPSAEATSADAMRVAEAYGKQLASLLPLKSVGEAGPKVPVFDVVLLGLG
SDGHTASIFPGSQAEKETDGKVVVSVGFPSETMKPKVWRVTLSPATIMQARNVIVLATGAEKKWVVDGILADTAHKAPVA
RFLRGCEGNVSFLLDKEIAENLAKF
;
_entity_poly.pdbx_strand_id   A,B
#
# COMPACT_ATOMS: atom_id res chain seq x y z
N SER A 1 9.22 -20.96 0.95
CA SER A 1 7.91 -21.46 0.55
C SER A 1 6.77 -20.83 1.36
N PHE A 2 6.18 -21.60 2.28
CA PHE A 2 5.06 -21.07 3.07
C PHE A 2 5.22 -21.07 4.59
N LYS A 3 5.34 -19.85 5.13
CA LYS A 3 5.59 -19.65 6.55
C LYS A 3 4.51 -18.78 7.19
N PRO A 4 3.27 -19.22 7.25
CA PRO A 4 2.45 -18.22 7.97
C PRO A 4 2.68 -18.22 9.49
N THR A 5 2.16 -17.19 10.15
CA THR A 5 2.22 -17.10 11.60
C THR A 5 1.08 -17.96 12.07
N ILE A 6 1.31 -18.76 13.11
CA ILE A 6 0.28 -19.62 13.68
C ILE A 6 0.25 -19.49 15.20
N SER A 7 -0.93 -19.27 15.76
CA SER A 7 -1.06 -19.16 17.20
C SER A 7 -2.28 -19.98 17.62
N VAL A 8 -2.18 -20.62 18.77
CA VAL A 8 -3.25 -21.48 19.22
C VAL A 8 -3.96 -20.96 20.44
N HIS A 9 -5.28 -21.13 20.48
CA HIS A 9 -6.09 -20.59 21.58
C HIS A 9 -7.11 -21.56 22.12
N ALA A 10 -7.00 -21.78 23.42
CA ALA A 10 -7.82 -22.73 24.17
C ALA A 10 -9.32 -22.46 24.14
N THR A 11 -9.70 -21.18 24.16
CA THR A 11 -11.12 -20.83 24.15
C THR A 11 -11.50 -19.96 22.95
N PRO A 12 -12.80 -19.62 22.82
CA PRO A 12 -13.37 -18.76 21.78
C PRO A 12 -13.10 -17.32 22.18
N GLN A 13 -13.23 -17.08 23.49
CA GLN A 13 -13.00 -15.76 24.05
C GLN A 13 -11.52 -15.42 23.99
N GLU A 14 -10.69 -16.43 23.73
CA GLU A 14 -9.25 -16.24 23.65
C GLU A 14 -8.82 -15.99 22.21
N LEU A 15 -9.44 -16.70 21.29
CA LEU A 15 -9.12 -16.58 19.85
C LEU A 15 -9.72 -15.28 19.34
N SER A 16 -10.91 -14.96 19.82
CA SER A 16 -11.60 -13.70 19.47
C SER A 16 -10.78 -12.52 20.00
N ALA A 17 -10.19 -12.70 21.17
CA ALA A 17 -9.36 -11.65 21.72
C ALA A 17 -8.10 -11.44 20.87
N ALA A 18 -7.57 -12.52 20.31
CA ALA A 18 -6.35 -12.45 19.50
C ALA A 18 -6.64 -11.96 18.09
N GLY A 19 -7.83 -12.28 17.60
CA GLY A 19 -8.24 -11.85 16.29
C GLY A 19 -8.35 -10.33 16.32
N CYS A 20 -9.02 -9.85 17.35
CA CYS A 20 -9.23 -8.42 17.48
C CYS A 20 -7.93 -7.65 17.81
N ARG A 21 -7.04 -8.31 18.55
CA ARG A 21 -5.72 -7.77 18.93
C ARG A 21 -4.83 -7.58 17.70
N LYS A 22 -4.86 -8.59 16.84
CA LYS A 22 -4.14 -8.64 15.57
C LYS A 22 -4.54 -7.54 14.58
N ILE A 23 -5.83 -7.21 14.55
CA ILE A 23 -6.32 -6.15 13.67
C ILE A 23 -5.85 -4.79 14.19
N VAL A 24 -6.03 -4.59 15.49
CA VAL A 24 -5.64 -3.36 16.18
C VAL A 24 -4.17 -3.11 15.96
N GLU A 25 -3.37 -4.16 16.14
CA GLU A 25 -1.92 -4.12 15.97
C GLU A 25 -1.51 -3.72 14.56
N ILE A 26 -2.23 -4.22 13.56
CA ILE A 26 -2.00 -3.84 12.14
C ILE A 26 -2.42 -2.38 11.97
N ILE A 27 -3.53 -2.01 12.59
CA ILE A 27 -3.99 -0.62 12.55
C ILE A 27 -2.94 0.39 13.11
N GLU A 28 -2.39 0.09 14.28
CA GLU A 28 -1.41 0.98 14.97
C GLU A 28 -0.07 0.98 14.22
N ALA A 29 0.32 -0.19 13.73
CA ALA A 29 1.60 -0.32 13.05
C ALA A 29 1.60 0.55 11.79
N SER A 30 0.43 0.65 11.15
CA SER A 30 0.25 1.45 9.94
C SER A 30 0.28 2.96 10.21
N GLY A 31 -0.18 3.36 11.38
CA GLY A 31 -0.21 4.77 11.74
C GLY A 31 -1.37 5.46 11.06
N SER A 32 -1.79 6.56 11.68
CA SER A 32 -2.96 7.34 11.22
C SER A 32 -3.00 7.91 9.81
N GLN A 33 -1.84 8.17 9.21
CA GLN A 33 -1.86 8.71 7.84
C GLN A 33 -2.28 7.63 6.84
N GLN A 34 -2.05 6.37 7.20
CA GLN A 34 -2.48 5.29 6.34
C GLN A 34 -3.98 5.00 6.40
N TRP A 35 -4.66 5.48 7.44
CA TRP A 35 -6.08 5.20 7.69
C TRP A 35 -6.98 6.05 6.80
N PRO A 36 -8.18 5.54 6.44
CA PRO A 36 -8.65 4.20 6.86
C PRO A 36 -8.07 3.01 6.12
N LEU A 37 -7.79 1.94 6.84
CA LEU A 37 -7.26 0.74 6.22
C LEU A 37 -8.45 -0.06 5.79
N SER A 38 -8.37 -0.68 4.64
CA SER A 38 -9.45 -1.54 4.14
C SER A 38 -9.33 -2.96 4.69
N ILE A 39 -10.45 -3.50 5.11
CA ILE A 39 -10.55 -4.83 5.64
C ILE A 39 -11.80 -5.50 5.04
N ALA A 40 -11.63 -6.74 4.60
CA ALA A 40 -12.70 -7.55 4.03
C ALA A 40 -13.19 -8.47 5.18
N LEU A 41 -14.45 -8.32 5.58
CA LEU A 41 -14.93 -9.16 6.69
C LEU A 41 -15.39 -10.53 6.18
N ALA A 42 -15.35 -11.52 7.10
CA ALA A 42 -15.85 -12.87 6.86
C ALA A 42 -17.04 -13.05 7.79
N GLY A 43 -17.88 -14.05 7.52
CA GLY A 43 -19.00 -14.44 8.36
C GLY A 43 -18.54 -15.55 9.30
N GLY A 44 -19.45 -16.14 10.08
CA GLY A 44 -19.10 -17.19 11.00
C GLY A 44 -19.05 -16.72 12.43
N SER A 45 -19.20 -17.64 13.36
CA SER A 45 -19.23 -17.27 14.80
C SER A 45 -17.90 -16.81 15.34
N THR A 46 -16.80 -17.27 14.76
CA THR A 46 -15.49 -16.88 15.28
C THR A 46 -15.23 -15.42 14.99
N PRO A 47 -15.41 -15.01 13.72
CA PRO A 47 -15.20 -13.59 13.46
C PRO A 47 -16.20 -12.78 14.23
N LYS A 48 -17.42 -13.28 14.32
CA LYS A 48 -18.51 -12.55 15.01
C LYS A 48 -18.05 -12.10 16.40
N MET A 49 -17.48 -13.03 17.15
CA MET A 49 -16.99 -12.72 18.47
C MET A 49 -15.88 -11.67 18.39
N THR A 50 -15.05 -11.73 17.35
CA THR A 50 -13.92 -10.78 17.15
C THR A 50 -14.50 -9.40 16.86
N TYR A 51 -15.56 -9.35 16.05
CA TYR A 51 -16.22 -8.09 15.79
C TYR A 51 -16.79 -7.45 17.06
N ALA A 52 -17.50 -8.26 17.84
CA ALA A 52 -18.12 -7.79 19.07
C ALA A 52 -17.07 -7.25 20.03
N ARG A 53 -15.85 -7.80 19.93
CA ARG A 53 -14.75 -7.37 20.78
C ARG A 53 -14.27 -5.97 20.37
N LEU A 54 -14.21 -5.75 19.06
CA LEU A 54 -13.85 -4.45 18.50
C LEU A 54 -14.94 -3.43 18.83
N HIS A 55 -16.18 -3.87 18.79
CA HIS A 55 -17.30 -3.00 19.13
C HIS A 55 -17.27 -2.54 20.59
N ASP A 56 -16.85 -3.45 21.49
CA ASP A 56 -16.84 -3.21 22.95
C ASP A 56 -15.57 -2.54 23.48
N GLU A 57 -14.47 -2.77 22.75
CA GLU A 57 -13.19 -2.35 23.21
C GLU A 57 -12.50 -1.31 22.38
N HIS A 58 -12.81 -1.22 21.09
CA HIS A 58 -12.16 -0.22 20.24
C HIS A 58 -13.10 0.59 19.34
N LEU A 59 -14.31 0.86 19.81
CA LEU A 59 -15.20 1.68 19.03
C LEU A 59 -14.56 3.01 18.68
N ASN A 60 -13.89 3.61 19.66
CA ASN A 60 -13.28 4.92 19.48
C ASN A 60 -12.28 4.95 18.34
N LEU A 61 -11.46 3.91 18.27
CA LEU A 61 -10.47 3.74 17.23
C LEU A 61 -11.11 3.74 15.83
N LEU A 62 -12.27 3.09 15.73
CA LEU A 62 -13.00 2.91 14.46
C LEU A 62 -14.01 4.01 14.06
N ARG A 63 -14.61 4.63 15.05
CA ARG A 63 -15.61 5.64 14.82
C ARG A 63 -14.95 7.01 14.89
N GLU A 64 -14.62 7.46 16.10
CA GLU A 64 -13.96 8.75 16.28
C GLU A 64 -12.65 8.79 15.49
N LYS A 65 -11.89 7.70 15.55
CA LYS A 65 -10.62 7.62 14.81
C LYS A 65 -10.63 7.10 13.38
N ARG A 66 -11.73 6.50 12.91
CA ARG A 66 -11.85 6.07 11.49
C ARG A 66 -10.68 5.21 10.96
N ALA A 67 -10.22 4.30 11.80
CA ALA A 67 -9.12 3.44 11.44
C ALA A 67 -9.34 2.48 10.26
N LEU A 68 -10.55 1.97 10.14
CA LEU A 68 -10.85 0.99 9.09
C LEU A 68 -12.02 1.36 8.20
N ARG A 69 -11.91 0.93 6.95
CA ARG A 69 -13.00 1.02 5.97
C ARG A 69 -13.49 -0.42 5.75
N PHE A 70 -14.71 -0.71 6.16
CA PHE A 70 -15.19 -2.07 6.10
C PHE A 70 -15.78 -2.51 4.77
N PHE A 71 -15.39 -3.72 4.34
CA PHE A 71 -15.93 -4.38 3.13
C PHE A 71 -16.36 -5.80 3.51
N MET A 72 -17.00 -6.49 2.57
CA MET A 72 -17.40 -7.89 2.77
C MET A 72 -16.58 -8.77 1.81
N GLY A 73 -15.89 -9.78 2.34
CA GLY A 73 -15.08 -10.65 1.51
C GLY A 73 -15.92 -11.69 0.77
N ASP A 74 -17.05 -12.00 1.34
CA ASP A 74 -17.98 -12.92 0.70
C ASP A 74 -19.35 -12.69 1.29
N GLU A 75 -20.38 -12.93 0.47
CA GLU A 75 -21.75 -12.68 0.91
C GLU A 75 -22.80 -13.67 0.35
N ARG A 76 -23.88 -13.84 1.10
CA ARG A 76 -24.96 -14.72 0.67
C ARG A 76 -25.94 -13.89 -0.14
N MET A 77 -26.38 -14.44 -1.27
CA MET A 77 -27.33 -13.72 -2.11
C MET A 77 -28.73 -13.72 -1.52
N VAL A 78 -28.91 -12.95 -0.44
CA VAL A 78 -30.18 -12.84 0.30
C VAL A 78 -30.37 -11.37 0.70
N PRO A 79 -31.58 -10.98 1.16
CA PRO A 79 -31.73 -9.58 1.58
C PRO A 79 -30.78 -9.22 2.73
N ALA A 80 -30.31 -7.96 2.77
CA ALA A 80 -29.38 -7.52 3.86
C ALA A 80 -29.87 -7.71 5.31
N ASP A 81 -31.18 -7.79 5.53
CA ASP A 81 -31.72 -8.01 6.88
C ASP A 81 -32.05 -9.49 7.14
N SER A 82 -31.59 -10.38 6.26
CA SER A 82 -31.81 -11.80 6.44
C SER A 82 -30.80 -12.28 7.46
N THR A 83 -31.18 -13.27 8.26
CA THR A 83 -30.25 -13.82 9.24
C THR A 83 -29.11 -14.64 8.58
N ASP A 84 -29.24 -14.94 7.29
CA ASP A 84 -28.22 -15.66 6.49
C ASP A 84 -27.21 -14.71 5.82
N SER A 85 -27.43 -13.42 5.98
CA SER A 85 -26.54 -12.39 5.45
C SER A 85 -25.28 -12.23 6.33
N ASN A 86 -24.09 -12.27 5.74
CA ASN A 86 -22.84 -12.07 6.52
C ASN A 86 -22.82 -10.63 7.03
N TYR A 87 -23.26 -9.71 6.17
CA TYR A 87 -23.33 -8.29 6.51
C TYR A 87 -24.26 -8.07 7.71
N ASN A 88 -25.43 -8.69 7.67
CA ASN A 88 -26.43 -8.58 8.73
C ASN A 88 -25.74 -8.86 10.04
N MET A 89 -25.08 -10.00 10.09
CA MET A 89 -24.33 -10.39 11.26
C MET A 89 -23.34 -9.27 11.67
N ALA A 90 -22.46 -8.93 10.74
CA ALA A 90 -21.45 -7.93 10.99
C ALA A 90 -22.05 -6.62 11.52
N ARG A 91 -23.17 -6.21 10.93
CA ARG A 91 -23.86 -5.02 11.34
C ARG A 91 -24.48 -5.12 12.72
N GLU A 92 -25.06 -6.27 13.01
CA GLU A 92 -25.66 -6.45 14.31
C GLU A 92 -24.65 -6.26 15.43
N VAL A 93 -23.47 -6.86 15.29
CA VAL A 93 -22.47 -6.79 16.35
C VAL A 93 -21.54 -5.56 16.34
N LEU A 94 -21.32 -4.95 15.20
CA LEU A 94 -20.35 -3.86 15.15
C LEU A 94 -20.75 -2.70 14.27
N LEU A 95 -21.07 -2.97 13.02
CA LEU A 95 -21.30 -1.90 12.06
C LEU A 95 -22.44 -0.91 12.25
N HIS A 96 -23.41 -1.22 13.09
CA HIS A 96 -24.54 -0.29 13.28
C HIS A 96 -23.94 1.01 13.92
N ASP A 97 -22.71 0.90 14.44
CA ASP A 97 -21.98 2.00 15.10
C ASP A 97 -20.85 2.63 14.25
N ILE A 98 -20.58 2.06 13.08
CA ILE A 98 -19.54 2.58 12.19
C ILE A 98 -20.12 3.61 11.19
N PRO A 99 -19.44 4.76 11.02
CA PRO A 99 -19.90 5.76 10.03
C PRO A 99 -20.24 5.04 8.72
N ASP A 100 -21.28 5.51 8.05
CA ASP A 100 -21.78 4.89 6.82
C ASP A 100 -20.80 5.06 5.64
N ASP A 101 -20.05 6.15 5.62
CA ASP A 101 -19.04 6.33 4.57
C ASP A 101 -17.85 5.40 4.79
N LEU A 102 -17.94 4.51 5.76
CA LEU A 102 -16.83 3.58 6.03
C LEU A 102 -17.34 2.13 6.02
N VAL A 103 -18.50 1.92 5.42
CA VAL A 103 -19.08 0.59 5.42
C VAL A 103 -19.56 0.29 4.02
N PHE A 104 -19.09 -0.79 3.45
CA PHE A 104 -19.49 -1.10 2.06
C PHE A 104 -19.99 -2.51 1.86
N PRO A 105 -21.25 -2.79 2.23
CA PRO A 105 -21.74 -4.16 2.01
C PRO A 105 -22.00 -4.38 0.51
N PHE A 106 -22.30 -5.63 0.13
CA PHE A 106 -22.64 -5.91 -1.28
C PHE A 106 -24.05 -5.37 -1.52
N ASP A 107 -24.34 -5.00 -2.77
CA ASP A 107 -25.69 -4.54 -3.13
C ASP A 107 -26.64 -5.73 -3.42
N THR A 108 -27.32 -6.24 -2.40
CA THR A 108 -28.26 -7.33 -2.58
C THR A 108 -29.70 -6.80 -2.56
N SER A 109 -29.85 -5.52 -2.88
CA SER A 109 -31.18 -4.89 -2.82
C SER A 109 -32.18 -5.42 -3.81
N ALA A 110 -31.73 -6.19 -4.79
CA ALA A 110 -32.67 -6.71 -5.77
C ALA A 110 -33.16 -8.08 -5.32
N VAL A 111 -32.53 -8.64 -4.31
CA VAL A 111 -32.90 -9.96 -3.81
C VAL A 111 -34.10 -9.90 -2.88
N THR A 112 -35.23 -10.46 -3.33
CA THR A 112 -36.46 -10.49 -2.53
C THR A 112 -36.74 -11.88 -1.98
N PRO A 113 -37.69 -12.01 -1.03
CA PRO A 113 -37.95 -13.33 -0.45
C PRO A 113 -38.96 -14.18 -1.24
N SER A 114 -39.26 -13.75 -2.46
CA SER A 114 -40.20 -14.46 -3.32
C SER A 114 -39.44 -15.24 -4.38
N ALA A 115 -38.26 -14.77 -4.71
CA ALA A 115 -37.48 -15.42 -5.74
C ALA A 115 -36.00 -15.58 -5.38
N GLU A 116 -35.60 -16.82 -5.14
CA GLU A 116 -34.23 -17.18 -4.86
C GLU A 116 -33.34 -16.57 -5.95
N ALA A 117 -32.15 -16.14 -5.55
CA ALA A 117 -31.17 -15.59 -6.47
C ALA A 117 -30.52 -16.73 -7.24
N THR A 118 -30.11 -16.44 -8.47
CA THR A 118 -29.39 -17.41 -9.29
C THR A 118 -27.95 -16.92 -9.45
N SER A 119 -27.21 -17.53 -10.38
CA SER A 119 -25.83 -17.13 -10.61
C SER A 119 -25.83 -15.85 -11.39
N ALA A 120 -26.94 -15.63 -12.08
CA ALA A 120 -27.16 -14.45 -12.91
C ALA A 120 -27.17 -13.21 -12.05
N ASP A 121 -27.89 -13.31 -10.92
CA ASP A 121 -28.01 -12.28 -9.90
C ASP A 121 -26.70 -12.06 -9.18
N ALA A 122 -26.11 -13.16 -8.67
CA ALA A 122 -24.81 -13.12 -7.98
C ALA A 122 -23.77 -12.48 -8.86
N MET A 123 -23.80 -12.80 -10.15
CA MET A 123 -22.81 -12.24 -11.06
C MET A 123 -22.97 -10.72 -11.18
N ARG A 124 -24.22 -10.27 -11.14
CA ARG A 124 -24.48 -8.84 -11.24
C ARG A 124 -23.90 -8.12 -10.03
N VAL A 125 -24.18 -8.64 -8.83
CA VAL A 125 -23.71 -8.07 -7.57
C VAL A 125 -22.19 -8.04 -7.47
N ALA A 126 -21.57 -9.09 -7.99
CA ALA A 126 -20.11 -9.21 -8.01
C ALA A 126 -19.44 -8.12 -8.90
N GLU A 127 -19.98 -7.97 -10.12
CA GLU A 127 -19.47 -6.99 -11.10
C GLU A 127 -19.52 -5.56 -10.51
N ALA A 128 -20.66 -5.23 -9.94
CA ALA A 128 -20.87 -3.95 -9.26
C ALA A 128 -19.87 -3.73 -8.10
N TYR A 129 -19.69 -4.75 -7.25
CA TYR A 129 -18.75 -4.63 -6.14
C TYR A 129 -17.34 -4.46 -6.64
N GLY A 130 -16.99 -5.26 -7.65
CA GLY A 130 -15.68 -5.18 -8.28
C GLY A 130 -15.46 -3.73 -8.68
N LYS A 131 -16.46 -3.12 -9.28
CA LYS A 131 -16.33 -1.70 -9.67
C LYS A 131 -16.06 -0.76 -8.48
N GLN A 132 -16.81 -0.88 -7.40
CA GLN A 132 -16.61 -0.05 -6.20
C GLN A 132 -15.17 -0.22 -5.71
N LEU A 133 -14.71 -1.46 -5.58
CA LEU A 133 -13.36 -1.75 -5.10
C LEU A 133 -12.28 -1.08 -5.95
N ALA A 134 -12.39 -1.16 -7.27
CA ALA A 134 -11.38 -0.55 -8.13
C ALA A 134 -11.42 0.94 -8.00
N SER A 135 -12.57 1.46 -7.65
CA SER A 135 -12.64 2.89 -7.49
C SER A 135 -12.13 3.33 -6.14
N LEU A 136 -12.39 2.53 -5.09
CA LEU A 136 -11.97 2.88 -3.74
C LEU A 136 -10.57 2.43 -3.27
N LEU A 137 -10.09 1.28 -3.72
CA LEU A 137 -8.81 0.76 -3.23
C LEU A 137 -7.76 0.84 -4.32
N PRO A 138 -6.47 0.76 -3.95
CA PRO A 138 -5.27 0.71 -4.81
C PRO A 138 -5.35 -0.54 -5.68
N LEU A 139 -4.95 -0.39 -6.94
CA LEU A 139 -4.92 -1.49 -7.90
C LEU A 139 -3.48 -1.90 -8.08
N LYS A 140 -3.27 -3.18 -8.37
CA LYS A 140 -1.93 -3.75 -8.50
C LYS A 140 -1.90 -4.83 -9.56
N SER A 141 -1.03 -4.67 -10.56
CA SER A 141 -0.87 -5.70 -11.59
C SER A 141 -0.54 -7.06 -10.94
N VAL A 142 -1.14 -8.12 -11.46
CA VAL A 142 -0.91 -9.48 -10.95
C VAL A 142 0.18 -10.13 -11.76
N GLY A 143 1.29 -10.45 -11.09
CA GLY A 143 2.47 -11.00 -11.73
C GLY A 143 3.19 -9.83 -12.40
N GLU A 144 3.19 -8.67 -11.74
CA GLU A 144 3.84 -7.45 -12.26
C GLU A 144 3.50 -7.09 -13.71
N ALA A 145 2.88 -8.04 -14.42
CA ALA A 145 2.48 -7.84 -15.80
C ALA A 145 0.96 -7.88 -15.91
N GLY A 146 0.35 -8.86 -15.26
CA GLY A 146 -1.07 -9.11 -15.32
C GLY A 146 -2.06 -8.00 -15.00
N PRO A 147 -3.36 -8.24 -15.27
CA PRO A 147 -4.53 -7.40 -15.02
C PRO A 147 -4.48 -6.79 -13.62
N LYS A 148 -5.34 -5.81 -13.38
CA LYS A 148 -5.34 -5.07 -12.12
C LYS A 148 -6.32 -5.50 -11.03
N VAL A 149 -5.81 -5.86 -9.86
CA VAL A 149 -6.73 -6.17 -8.74
C VAL A 149 -6.51 -5.27 -7.55
N PRO A 150 -7.57 -5.05 -6.76
CA PRO A 150 -7.51 -4.12 -5.60
C PRO A 150 -6.76 -4.76 -4.45
N VAL A 151 -6.04 -3.91 -3.71
CA VAL A 151 -5.23 -4.38 -2.63
C VAL A 151 -5.88 -4.02 -1.31
N PHE A 152 -6.28 -5.05 -0.55
CA PHE A 152 -6.89 -4.83 0.75
C PHE A 152 -5.74 -4.76 1.72
N ASP A 153 -5.93 -4.05 2.82
CA ASP A 153 -4.89 -4.04 3.85
C ASP A 153 -5.09 -5.30 4.67
N VAL A 154 -6.34 -5.71 4.87
CA VAL A 154 -6.65 -6.91 5.68
C VAL A 154 -7.83 -7.71 5.11
N VAL A 155 -7.68 -9.04 5.08
CA VAL A 155 -8.78 -9.92 4.67
C VAL A 155 -8.87 -10.91 5.82
N LEU A 156 -10.04 -10.96 6.43
CA LEU A 156 -10.34 -11.95 7.46
C LEU A 156 -10.93 -13.15 6.71
N LEU A 157 -10.51 -14.38 7.05
CA LEU A 157 -11.04 -15.57 6.38
C LEU A 157 -11.48 -16.62 7.35
N GLY A 158 -12.41 -17.44 6.92
CA GLY A 158 -12.84 -18.60 7.70
C GLY A 158 -12.41 -19.78 6.84
N LEU A 159 -12.69 -20.99 7.31
CA LEU A 159 -12.38 -22.24 6.60
C LEU A 159 -13.52 -23.16 6.91
N GLY A 160 -13.97 -23.96 5.94
CA GLY A 160 -15.03 -24.93 6.15
C GLY A 160 -14.41 -26.33 6.13
N SER A 161 -15.18 -27.34 6.53
CA SER A 161 -14.70 -28.73 6.57
C SER A 161 -14.57 -29.36 5.17
N ASP A 162 -15.05 -28.63 4.16
CA ASP A 162 -14.93 -29.05 2.76
C ASP A 162 -13.69 -28.42 2.17
N GLY A 163 -12.93 -27.71 3.03
CA GLY A 163 -11.68 -27.07 2.67
C GLY A 163 -11.76 -25.75 1.92
N HIS A 164 -12.94 -25.16 1.87
CA HIS A 164 -13.19 -23.89 1.18
C HIS A 164 -12.84 -22.73 2.09
N THR A 165 -12.75 -21.53 1.50
CA THR A 165 -12.57 -20.29 2.26
C THR A 165 -13.46 -19.27 1.57
N ALA A 166 -13.86 -18.20 2.26
CA ALA A 166 -14.77 -17.22 1.74
C ALA A 166 -15.93 -18.01 1.11
N SER A 167 -16.39 -17.66 -0.10
CA SER A 167 -17.36 -18.52 -0.75
C SER A 167 -16.70 -19.16 -1.97
N ILE A 168 -15.40 -19.49 -1.85
CA ILE A 168 -14.67 -20.13 -2.97
C ILE A 168 -14.69 -21.64 -2.71
N PHE A 169 -15.66 -22.31 -3.32
CA PHE A 169 -15.89 -23.73 -3.10
C PHE A 169 -15.19 -24.70 -4.06
N PRO A 170 -14.93 -25.93 -3.58
CA PRO A 170 -14.22 -26.94 -4.38
C PRO A 170 -14.85 -27.08 -5.77
N GLY A 171 -13.98 -27.27 -6.77
CA GLY A 171 -14.35 -27.43 -8.16
C GLY A 171 -14.93 -26.17 -8.79
N SER A 172 -15.23 -25.17 -7.97
CA SER A 172 -15.83 -23.93 -8.46
C SER A 172 -15.03 -23.22 -9.55
N GLN A 173 -15.66 -22.23 -10.19
CA GLN A 173 -15.01 -21.41 -11.20
C GLN A 173 -14.21 -20.34 -10.42
N ALA A 174 -14.84 -19.80 -9.36
CA ALA A 174 -14.19 -18.82 -8.46
C ALA A 174 -12.79 -19.30 -8.09
N GLU A 175 -12.69 -20.57 -7.68
CA GLU A 175 -11.45 -21.20 -7.30
C GLU A 175 -10.38 -21.10 -8.37
N LYS A 176 -10.83 -21.01 -9.62
CA LYS A 176 -9.90 -20.96 -10.73
C LYS A 176 -9.49 -19.56 -11.07
N GLU A 177 -10.19 -18.58 -10.50
CA GLU A 177 -9.90 -17.17 -10.77
C GLU A 177 -8.74 -16.63 -9.98
N THR A 178 -7.56 -16.96 -10.48
CA THR A 178 -6.30 -16.67 -9.82
C THR A 178 -5.41 -15.73 -10.60
N ASP A 179 -5.76 -15.48 -11.87
CA ASP A 179 -4.94 -14.66 -12.74
C ASP A 179 -5.17 -13.14 -12.65
N GLY A 180 -6.26 -12.73 -11.98
CA GLY A 180 -6.55 -11.32 -11.73
C GLY A 180 -7.62 -10.69 -12.60
N LYS A 181 -8.02 -11.38 -13.64
CA LYS A 181 -9.02 -10.83 -14.52
C LYS A 181 -10.35 -10.64 -13.80
N VAL A 182 -10.59 -11.45 -12.76
CA VAL A 182 -11.86 -11.39 -12.03
C VAL A 182 -11.53 -11.08 -10.60
N VAL A 183 -12.11 -9.98 -10.13
CA VAL A 183 -11.88 -9.48 -8.76
C VAL A 183 -12.85 -10.11 -7.75
N VAL A 184 -14.12 -10.18 -8.12
CA VAL A 184 -15.12 -10.73 -7.22
C VAL A 184 -15.71 -11.81 -8.07
N SER A 185 -15.84 -13.02 -7.54
CA SER A 185 -16.45 -14.08 -8.33
C SER A 185 -17.78 -14.51 -7.72
N VAL A 186 -18.24 -15.69 -8.14
CA VAL A 186 -19.48 -16.29 -7.65
C VAL A 186 -19.34 -17.77 -7.29
N GLY A 187 -20.29 -18.30 -6.53
CA GLY A 187 -20.19 -19.70 -6.16
C GLY A 187 -21.39 -20.19 -5.39
N PHE A 188 -21.69 -21.48 -5.58
CA PHE A 188 -22.77 -22.17 -4.85
C PHE A 188 -22.12 -23.13 -3.87
N PRO A 189 -22.63 -23.22 -2.63
CA PRO A 189 -21.99 -24.10 -1.65
C PRO A 189 -21.94 -25.60 -2.03
N SER A 190 -20.98 -26.32 -1.47
CA SER A 190 -20.87 -27.77 -1.73
C SER A 190 -21.93 -28.51 -0.88
N GLU A 191 -21.98 -29.82 -0.96
CA GLU A 191 -23.01 -30.59 -0.25
C GLU A 191 -23.10 -30.39 1.27
N THR A 192 -21.96 -30.44 1.95
CA THR A 192 -21.93 -30.33 3.40
C THR A 192 -22.07 -28.89 3.97
N MET A 193 -22.15 -27.88 3.10
CA MET A 193 -22.26 -26.50 3.53
C MET A 193 -23.60 -25.78 3.28
N LYS A 194 -24.01 -24.98 4.27
CA LYS A 194 -25.25 -24.21 4.17
C LYS A 194 -24.96 -22.76 4.55
N PRO A 195 -25.89 -21.83 4.26
CA PRO A 195 -27.18 -22.02 3.58
C PRO A 195 -27.00 -22.25 2.08
N LYS A 196 -27.96 -22.98 1.51
CA LYS A 196 -27.93 -23.31 0.10
C LYS A 196 -28.41 -22.12 -0.68
N VAL A 197 -27.53 -21.17 -0.88
CA VAL A 197 -27.87 -19.97 -1.66
C VAL A 197 -26.62 -19.60 -2.41
N TRP A 198 -26.79 -18.91 -3.53
CA TRP A 198 -25.70 -18.40 -4.35
C TRP A 198 -24.93 -17.35 -3.55
N ARG A 199 -23.62 -17.31 -3.80
CA ARG A 199 -22.69 -16.40 -3.10
C ARG A 199 -21.88 -15.54 -4.06
N VAL A 200 -21.34 -14.44 -3.55
CA VAL A 200 -20.39 -13.57 -4.26
C VAL A 200 -19.17 -13.62 -3.33
N THR A 201 -17.97 -13.55 -3.87
CA THR A 201 -16.80 -13.69 -3.03
C THR A 201 -15.62 -13.05 -3.73
N LEU A 202 -14.72 -12.48 -2.94
CA LEU A 202 -13.41 -12.04 -3.42
C LEU A 202 -12.78 -13.27 -4.10
N SER A 203 -12.20 -13.09 -5.27
CA SER A 203 -11.58 -14.24 -5.93
C SER A 203 -10.25 -14.57 -5.22
N PRO A 204 -9.66 -15.73 -5.53
CA PRO A 204 -8.35 -16.06 -4.94
C PRO A 204 -7.25 -15.03 -5.34
N ALA A 205 -7.31 -14.54 -6.56
CA ALA A 205 -6.33 -13.53 -6.99
C ALA A 205 -6.42 -12.29 -6.11
N THR A 206 -7.63 -11.84 -5.79
CA THR A 206 -7.78 -10.62 -5.00
C THR A 206 -7.17 -10.87 -3.65
N ILE A 207 -7.57 -11.98 -3.07
CA ILE A 207 -7.08 -12.35 -1.75
C ILE A 207 -5.53 -12.44 -1.71
N MET A 208 -4.90 -12.99 -2.74
CA MET A 208 -3.45 -13.17 -2.73
C MET A 208 -2.60 -11.89 -2.84
N GLN A 209 -3.27 -10.79 -3.11
CA GLN A 209 -2.68 -9.49 -3.24
C GLN A 209 -2.88 -8.72 -1.92
N ALA A 210 -3.78 -9.18 -1.05
CA ALA A 210 -4.02 -8.46 0.20
C ALA A 210 -2.70 -8.27 1.00
N ARG A 211 -2.54 -7.14 1.72
CA ARG A 211 -1.33 -6.93 2.54
C ARG A 211 -1.27 -7.85 3.76
N ASN A 212 -2.43 -8.23 4.30
CA ASN A 212 -2.49 -9.15 5.46
C ASN A 212 -3.74 -10.00 5.36
N VAL A 213 -3.58 -11.29 5.56
CA VAL A 213 -4.68 -12.25 5.51
C VAL A 213 -4.64 -12.92 6.86
N ILE A 214 -5.79 -12.95 7.53
CA ILE A 214 -5.89 -13.56 8.86
C ILE A 214 -7.01 -14.59 8.87
N VAL A 215 -6.64 -15.82 9.12
CA VAL A 215 -7.56 -16.94 9.09
C VAL A 215 -7.88 -17.37 10.52
N LEU A 216 -9.16 -17.39 10.87
CA LEU A 216 -9.58 -17.85 12.19
C LEU A 216 -10.35 -19.16 11.96
N ALA A 217 -9.94 -20.22 12.62
CA ALA A 217 -10.63 -21.46 12.39
C ALA A 217 -10.54 -22.41 13.59
N THR A 218 -11.66 -23.04 13.96
CA THR A 218 -11.68 -24.00 15.06
C THR A 218 -12.29 -25.33 14.61
N GLY A 219 -12.04 -26.39 15.39
CA GLY A 219 -12.62 -27.70 15.11
C GLY A 219 -11.71 -28.75 14.51
N ALA A 220 -11.77 -29.93 15.10
CA ALA A 220 -10.96 -31.08 14.66
C ALA A 220 -11.35 -31.46 13.25
N GLU A 221 -12.57 -31.14 12.87
CA GLU A 221 -13.07 -31.46 11.52
C GLU A 221 -12.46 -30.57 10.43
N LYS A 222 -11.81 -29.49 10.83
CA LYS A 222 -11.15 -28.59 9.89
C LYS A 222 -9.63 -28.76 9.91
N LYS A 223 -9.16 -29.73 10.65
CA LYS A 223 -7.70 -29.91 10.76
C LYS A 223 -7.09 -30.38 9.43
N TRP A 224 -7.79 -31.26 8.73
CA TRP A 224 -7.32 -31.73 7.44
C TRP A 224 -7.08 -30.51 6.56
N VAL A 225 -7.95 -29.50 6.69
CA VAL A 225 -7.85 -28.27 5.90
C VAL A 225 -6.56 -27.52 6.14
N VAL A 226 -6.28 -27.20 7.40
CA VAL A 226 -5.02 -26.54 7.75
C VAL A 226 -3.82 -27.39 7.36
N ASP A 227 -3.88 -28.67 7.71
CA ASP A 227 -2.81 -29.62 7.38
C ASP A 227 -2.49 -29.50 5.93
N GLY A 228 -3.55 -29.48 5.12
CA GLY A 228 -3.48 -29.45 3.67
C GLY A 228 -2.97 -28.17 3.04
N ILE A 229 -3.04 -27.08 3.80
CA ILE A 229 -2.54 -25.79 3.32
C ILE A 229 -1.04 -25.80 3.60
N LEU A 230 -0.70 -26.24 4.80
CA LEU A 230 0.68 -26.28 5.26
C LEU A 230 1.62 -27.34 4.67
N ALA A 231 1.08 -28.44 4.14
CA ALA A 231 1.91 -29.52 3.57
C ALA A 231 2.91 -29.03 2.53
N ASP A 232 4.05 -29.71 2.48
CA ASP A 232 5.13 -29.37 1.53
C ASP A 232 4.71 -29.56 0.08
N THR A 233 4.08 -30.71 -0.17
CA THR A 233 3.61 -31.08 -1.50
C THR A 233 2.09 -31.19 -1.43
N ALA A 234 1.41 -30.69 -2.45
CA ALA A 234 -0.05 -30.78 -2.47
C ALA A 234 -0.42 -32.23 -2.78
N HIS A 235 -1.39 -32.78 -2.06
CA HIS A 235 -1.79 -34.14 -2.36
C HIS A 235 -3.27 -34.32 -2.72
N LYS A 236 -4.16 -34.09 -1.76
CA LYS A 236 -5.61 -34.16 -2.06
C LYS A 236 -6.05 -32.84 -1.46
N ALA A 237 -5.41 -31.81 -1.97
CA ALA A 237 -5.46 -30.47 -1.38
C ALA A 237 -6.82 -29.88 -1.19
N PRO A 238 -7.00 -29.11 -0.11
CA PRO A 238 -8.24 -28.34 0.05
C PRO A 238 -8.13 -27.08 -0.84
N VAL A 239 -9.27 -26.47 -1.19
CA VAL A 239 -9.27 -25.24 -1.99
C VAL A 239 -8.38 -24.16 -1.37
N ALA A 240 -8.48 -24.00 -0.07
CA ALA A 240 -7.73 -23.00 0.69
C ALA A 240 -6.18 -23.12 0.54
N ARG A 241 -5.69 -24.19 -0.07
CA ARG A 241 -4.26 -24.30 -0.25
C ARG A 241 -3.72 -23.16 -1.14
N PHE A 242 -4.58 -22.51 -1.93
CA PHE A 242 -4.13 -21.34 -2.75
C PHE A 242 -3.56 -20.19 -1.89
N LEU A 243 -3.99 -20.13 -0.63
CA LEU A 243 -3.52 -19.12 0.30
C LEU A 243 -1.96 -19.11 0.37
N ARG A 244 -1.34 -20.25 0.05
CA ARG A 244 0.11 -20.42 0.02
C ARG A 244 0.72 -19.34 -0.86
N GLY A 245 0.00 -18.98 -1.92
CA GLY A 245 0.43 -17.97 -2.88
C GLY A 245 0.19 -16.53 -2.43
N CYS A 246 -0.25 -16.33 -1.19
CA CYS A 246 -0.48 -14.95 -0.73
C CYS A 246 0.79 -14.15 -0.74
N GLU A 247 0.69 -12.96 -1.32
CA GLU A 247 1.82 -12.03 -1.44
C GLU A 247 2.07 -11.30 -0.13
N GLY A 248 1.03 -11.15 0.69
CA GLY A 248 1.13 -10.45 1.95
C GLY A 248 1.32 -11.34 3.16
N ASN A 249 1.03 -10.80 4.36
CA ASN A 249 1.20 -11.54 5.60
C ASN A 249 0.04 -12.48 5.93
N VAL A 250 0.35 -13.78 6.08
CA VAL A 250 -0.65 -14.77 6.43
C VAL A 250 -0.51 -15.26 7.87
N SER A 251 -1.64 -15.33 8.57
CA SER A 251 -1.65 -15.74 9.97
C SER A 251 -2.81 -16.68 10.20
N PHE A 252 -2.61 -17.68 11.06
CA PHE A 252 -3.68 -18.60 11.38
C PHE A 252 -4.04 -18.49 12.88
N LEU A 253 -5.27 -18.12 13.22
CA LEU A 253 -5.62 -18.09 14.62
C LEU A 253 -6.41 -19.38 14.81
N LEU A 254 -5.80 -20.35 15.50
CA LEU A 254 -6.39 -21.68 15.64
C LEU A 254 -6.74 -22.12 17.04
N ASP A 255 -7.74 -22.99 17.16
CA ASP A 255 -8.04 -23.56 18.48
C ASP A 255 -7.06 -24.71 18.78
N LYS A 256 -7.21 -25.35 19.94
CA LYS A 256 -6.30 -26.44 20.32
C LYS A 256 -6.45 -27.68 19.42
N GLU A 257 -7.70 -28.01 19.10
CA GLU A 257 -8.07 -29.13 18.22
C GLU A 257 -7.56 -29.02 16.79
N ILE A 258 -8.08 -28.05 16.03
CA ILE A 258 -7.68 -27.85 14.64
C ILE A 258 -6.18 -27.73 14.52
N ALA A 259 -5.50 -27.58 15.64
CA ALA A 259 -4.04 -27.41 15.64
C ALA A 259 -3.31 -28.74 15.84
N GLU A 260 -3.54 -29.37 16.98
CA GLU A 260 -2.99 -30.69 17.32
C GLU A 260 -1.73 -31.18 16.59
N SER B 1 -3.44 21.23 10.32
CA SER B 1 -3.73 19.80 10.45
C SER B 1 -2.61 18.94 9.86
N PHE B 2 -1.40 19.52 9.81
CA PHE B 2 -0.24 18.83 9.27
C PHE B 2 0.84 18.78 10.36
N LYS B 3 1.07 17.60 10.92
CA LYS B 3 2.07 17.45 11.96
C LYS B 3 3.17 16.48 11.53
N PRO B 4 4.15 17.00 10.78
CA PRO B 4 5.29 16.17 10.33
C PRO B 4 6.18 15.84 11.51
N THR B 5 6.90 14.73 11.40
CA THR B 5 7.90 14.31 12.38
C THR B 5 9.12 15.12 11.97
N ILE B 6 9.71 15.84 12.91
CA ILE B 6 10.91 16.66 12.67
C ILE B 6 11.98 16.24 13.66
N SER B 7 13.21 16.13 13.19
CA SER B 7 14.32 15.77 14.05
C SER B 7 15.48 16.64 13.61
N VAL B 8 16.19 17.19 14.58
CA VAL B 8 17.27 18.11 14.30
C VAL B 8 18.57 17.40 14.69
N HIS B 9 19.59 17.58 13.86
CA HIS B 9 20.87 16.90 14.10
C HIS B 9 21.96 17.93 14.00
N ALA B 10 22.83 17.91 14.99
CA ALA B 10 23.88 18.89 15.14
C ALA B 10 25.11 18.60 14.29
N THR B 11 25.08 17.50 13.56
CA THR B 11 26.24 17.09 12.77
C THR B 11 25.76 16.32 11.54
N PRO B 12 26.52 16.38 10.43
CA PRO B 12 26.21 15.69 9.17
C PRO B 12 26.15 14.19 9.34
N GLN B 13 27.11 13.65 10.10
CA GLN B 13 27.17 12.21 10.38
C GLN B 13 25.90 11.85 11.11
N GLU B 14 25.46 12.74 12.00
CA GLU B 14 24.25 12.49 12.77
C GLU B 14 23.02 12.49 11.87
N LEU B 15 22.95 13.45 10.95
CA LEU B 15 21.84 13.53 10.02
C LEU B 15 21.75 12.27 9.11
N SER B 16 22.87 11.91 8.51
CA SER B 16 22.91 10.73 7.67
C SER B 16 22.57 9.45 8.46
N ALA B 17 22.94 9.39 9.73
CA ALA B 17 22.62 8.20 10.54
C ALA B 17 21.12 8.15 10.76
N ALA B 18 20.55 9.34 10.97
CA ALA B 18 19.13 9.50 11.15
C ALA B 18 18.36 9.14 9.87
N GLY B 19 18.93 9.49 8.71
CA GLY B 19 18.31 9.22 7.42
C GLY B 19 18.32 7.71 7.13
N CYS B 20 19.49 7.12 7.31
CA CYS B 20 19.67 5.68 7.13
C CYS B 20 18.77 4.90 8.12
N ARG B 21 18.65 5.39 9.35
CA ARG B 21 17.83 4.75 10.39
C ARG B 21 16.35 4.77 10.11
N LYS B 22 15.83 5.94 9.71
CA LYS B 22 14.42 6.07 9.35
C LYS B 22 14.01 5.11 8.19
N ILE B 23 14.91 4.91 7.24
CA ILE B 23 14.60 4.06 6.08
C ILE B 23 14.61 2.60 6.49
N VAL B 24 15.60 2.26 7.33
CA VAL B 24 15.73 0.90 7.83
C VAL B 24 14.52 0.60 8.76
N GLU B 25 14.07 1.59 9.52
CA GLU B 25 12.90 1.38 10.38
C GLU B 25 11.65 1.15 9.52
N ILE B 26 11.56 1.84 8.39
CA ILE B 26 10.41 1.65 7.50
C ILE B 26 10.42 0.25 6.87
N ILE B 27 11.62 -0.21 6.51
CA ILE B 27 11.81 -1.52 5.88
C ILE B 27 11.38 -2.64 6.83
N GLU B 28 11.72 -2.46 8.11
CA GLU B 28 11.47 -3.41 9.19
C GLU B 28 10.05 -3.34 9.76
N ALA B 29 9.48 -2.14 9.79
CA ALA B 29 8.13 -2.00 10.26
C ALA B 29 7.23 -2.66 9.25
N SER B 30 7.62 -2.55 8.00
CA SER B 30 6.89 -3.17 6.90
C SER B 30 7.48 -4.57 6.87
N GLY B 31 6.71 -5.57 6.48
CA GLY B 31 7.27 -6.91 6.53
C GLY B 31 8.12 -7.29 5.32
N SER B 32 8.92 -8.33 5.47
CA SER B 32 9.72 -8.86 4.37
C SER B 32 8.77 -9.29 3.27
N GLN B 33 7.51 -9.55 3.65
CA GLN B 33 6.44 -9.98 2.72
C GLN B 33 6.07 -8.85 1.77
N GLN B 34 6.23 -7.63 2.26
CA GLN B 34 5.92 -6.48 1.44
C GLN B 34 7.15 -6.00 0.69
N TRP B 35 8.28 -6.70 0.82
CA TRP B 35 9.51 -6.32 0.09
C TRP B 35 9.49 -6.86 -1.36
N PRO B 36 10.11 -6.13 -2.31
CA PRO B 36 10.85 -4.89 -2.10
C PRO B 36 9.94 -3.69 -2.04
N LEU B 37 10.24 -2.77 -1.14
CA LEU B 37 9.52 -1.50 -1.02
C LEU B 37 10.06 -0.59 -2.10
N SER B 38 9.20 0.25 -2.68
CA SER B 38 9.70 1.18 -3.68
C SER B 38 10.14 2.45 -2.99
N ILE B 39 11.28 2.96 -3.41
CA ILE B 39 11.83 4.21 -2.87
C ILE B 39 12.29 5.09 -4.02
N ALA B 40 11.95 6.39 -3.96
CA ALA B 40 12.33 7.37 -4.99
C ALA B 40 13.47 8.18 -4.37
N LEU B 41 14.67 8.02 -4.92
CA LEU B 41 15.85 8.72 -4.43
C LEU B 41 15.91 10.17 -4.83
N ALA B 42 16.51 11.00 -3.96
CA ALA B 42 16.75 12.41 -4.28
C ALA B 42 18.22 12.58 -4.65
N GLY B 43 18.54 13.62 -5.42
CA GLY B 43 19.92 13.89 -5.72
C GLY B 43 20.40 14.85 -4.64
N GLY B 44 21.56 15.46 -4.83
CA GLY B 44 22.06 16.43 -3.87
C GLY B 44 23.02 15.81 -2.87
N SER B 45 23.80 16.68 -2.22
CA SER B 45 24.79 16.29 -1.23
C SER B 45 24.27 15.69 0.07
N THR B 46 23.15 16.20 0.58
CA THR B 46 22.58 15.64 1.81
C THR B 46 22.17 14.18 1.61
N PRO B 47 21.33 13.92 0.59
CA PRO B 47 20.88 12.54 0.40
C PRO B 47 22.04 11.59 0.15
N LYS B 48 23.09 12.11 -0.47
CA LYS B 48 24.23 11.30 -0.81
C LYS B 48 24.94 10.63 0.39
N MET B 49 25.02 11.33 1.52
CA MET B 49 25.65 10.76 2.73
C MET B 49 24.78 9.67 3.35
N THR B 50 23.47 9.84 3.23
CA THR B 50 22.53 8.81 3.70
C THR B 50 22.78 7.55 2.87
N TYR B 51 22.93 7.73 1.57
CA TYR B 51 23.20 6.61 0.68
C TYR B 51 24.55 5.95 0.99
N ALA B 52 25.53 6.74 1.41
CA ALA B 52 26.84 6.17 1.68
C ALA B 52 26.77 5.25 2.89
N ARG B 53 25.94 5.64 3.87
CA ARG B 53 25.75 4.90 5.12
C ARG B 53 24.93 3.60 4.93
N LEU B 54 24.00 3.63 3.97
CA LEU B 54 23.22 2.44 3.61
C LEU B 54 24.17 1.46 2.96
N HIS B 55 25.08 1.98 2.15
CA HIS B 55 26.07 1.16 1.47
C HIS B 55 27.05 0.51 2.48
N ASP B 56 27.47 1.33 3.44
CA ASP B 56 28.49 0.90 4.41
C ASP B 56 27.95 0.10 5.55
N GLU B 57 26.71 0.35 5.92
CA GLU B 57 26.16 -0.25 7.12
C GLU B 57 25.04 -1.26 6.98
N HIS B 58 24.29 -1.21 5.87
CA HIS B 58 23.13 -2.08 5.63
C HIS B 58 23.01 -2.65 4.22
N LEU B 59 24.14 -2.92 3.57
CA LEU B 59 24.11 -3.49 2.22
C LEU B 59 23.47 -4.87 2.19
N ASN B 60 23.63 -5.60 3.28
CA ASN B 60 23.05 -6.94 3.39
C ASN B 60 21.52 -6.91 3.17
N LEU B 61 20.88 -5.96 3.83
CA LEU B 61 19.45 -5.71 3.76
C LEU B 61 18.99 -5.38 2.34
N LEU B 62 19.79 -4.58 1.66
CA LEU B 62 19.46 -4.07 0.34
C LEU B 62 19.88 -5.03 -0.79
N ARG B 63 20.99 -5.71 -0.63
CA ARG B 63 21.42 -6.63 -1.69
C ARG B 63 21.10 -8.12 -1.45
N GLU B 64 21.51 -8.66 -0.30
CA GLU B 64 21.24 -10.06 0.01
C GLU B 64 19.74 -10.25 0.22
N LYS B 65 19.15 -9.37 1.03
CA LYS B 65 17.72 -9.45 1.35
C LYS B 65 16.81 -8.65 0.43
N ARG B 66 17.37 -7.89 -0.52
CA ARG B 66 16.53 -7.20 -1.50
C ARG B 66 15.36 -6.39 -0.90
N ALA B 67 15.59 -5.67 0.19
CA ALA B 67 14.53 -4.93 0.87
C ALA B 67 13.91 -3.79 0.05
N LEU B 68 14.67 -3.25 -0.89
CA LEU B 68 14.23 -2.11 -1.65
C LEU B 68 14.38 -2.19 -3.15
N ARG B 69 13.44 -1.53 -3.84
CA ARG B 69 13.45 -1.37 -5.27
C ARG B 69 13.64 0.14 -5.39
N PHE B 70 14.67 0.55 -6.13
CA PHE B 70 15.12 1.92 -6.20
C PHE B 70 14.71 2.61 -7.47
N PHE B 71 14.12 3.78 -7.31
CA PHE B 71 13.68 4.60 -8.42
C PHE B 71 14.27 5.97 -8.18
N MET B 72 14.08 6.85 -9.13
CA MET B 72 14.64 8.21 -9.05
C MET B 72 13.49 9.18 -9.03
N GLY B 73 13.48 10.09 -8.04
CA GLY B 73 12.41 11.06 -7.85
C GLY B 73 12.49 12.19 -8.87
N ASP B 74 13.69 12.49 -9.29
CA ASP B 74 13.85 13.51 -10.31
C ASP B 74 15.18 13.24 -11.01
N GLU B 75 15.35 13.78 -12.19
CA GLU B 75 16.60 13.53 -12.90
C GLU B 75 16.86 14.65 -13.91
N ARG B 76 18.12 14.82 -14.24
CA ARG B 76 18.59 15.77 -15.23
C ARG B 76 18.72 15.04 -16.57
N MET B 77 18.27 15.71 -17.62
CA MET B 77 18.31 15.15 -18.95
C MET B 77 19.73 15.20 -19.54
N VAL B 78 20.65 14.46 -18.91
CA VAL B 78 22.03 14.32 -19.34
C VAL B 78 22.28 12.80 -19.37
N PRO B 79 23.35 12.36 -20.07
CA PRO B 79 23.69 10.93 -20.15
C PRO B 79 23.83 10.38 -18.74
N ALA B 80 23.61 9.08 -18.56
CA ALA B 80 23.65 8.46 -17.22
C ALA B 80 25.03 8.46 -16.55
N ASP B 81 26.06 8.86 -17.29
CA ASP B 81 27.42 8.90 -16.73
C ASP B 81 27.91 10.33 -16.50
N SER B 82 27.11 11.32 -16.87
CA SER B 82 27.54 12.70 -16.66
C SER B 82 27.54 12.86 -15.18
N THR B 83 28.46 13.68 -14.68
CA THR B 83 28.52 13.99 -13.24
C THR B 83 27.34 14.88 -12.82
N ASP B 84 26.48 15.26 -13.77
CA ASP B 84 25.32 16.08 -13.44
C ASP B 84 24.07 15.18 -13.29
N SER B 85 24.25 13.86 -13.49
CA SER B 85 23.15 12.91 -13.35
C SER B 85 22.94 12.51 -11.88
N ASN B 86 21.71 12.57 -11.41
CA ASN B 86 21.43 12.16 -10.04
C ASN B 86 21.62 10.65 -9.92
N TYR B 87 21.14 9.92 -10.92
CA TYR B 87 21.31 8.47 -10.94
C TYR B 87 22.79 8.11 -10.89
N ASN B 88 23.62 8.85 -11.64
CA ASN B 88 25.08 8.64 -11.60
C ASN B 88 25.66 8.79 -10.21
N MET B 89 25.20 9.79 -9.48
CA MET B 89 25.68 9.95 -8.10
C MET B 89 25.15 8.80 -7.20
N ALA B 90 23.90 8.38 -7.42
CA ALA B 90 23.34 7.29 -6.59
C ALA B 90 24.13 5.98 -6.80
N ARG B 91 24.45 5.71 -8.05
CA ARG B 91 25.22 4.52 -8.42
C ARG B 91 26.61 4.52 -7.76
N GLU B 92 27.32 5.61 -7.95
CA GLU B 92 28.69 5.74 -7.42
C GLU B 92 28.78 5.35 -5.96
N VAL B 93 27.88 5.90 -5.17
CA VAL B 93 27.92 5.75 -3.73
C VAL B 93 27.19 4.52 -3.20
N LEU B 94 26.28 3.98 -3.98
CA LEU B 94 25.49 2.85 -3.53
C LEU B 94 24.90 1.88 -4.58
N LEU B 95 24.17 2.38 -5.57
CA LEU B 95 23.48 1.46 -6.49
C LEU B 95 24.40 0.48 -7.19
N HIS B 96 25.67 0.83 -7.29
CA HIS B 96 26.62 -0.01 -7.97
C HIS B 96 26.68 -1.38 -7.26
N ASP B 97 26.15 -1.47 -6.02
CA ASP B 97 26.15 -2.76 -5.32
C ASP B 97 24.77 -3.39 -5.26
N ILE B 98 23.81 -2.73 -5.89
CA ILE B 98 22.44 -3.21 -5.85
C ILE B 98 22.18 -3.98 -7.13
N PRO B 99 21.57 -5.17 -7.02
CA PRO B 99 21.21 -6.00 -8.18
C PRO B 99 20.47 -5.11 -9.19
N ASP B 100 20.91 -5.19 -10.43
CA ASP B 100 20.35 -4.39 -11.51
C ASP B 100 18.83 -4.42 -11.62
N ASP B 101 18.22 -5.58 -11.41
CA ASP B 101 16.77 -5.69 -11.56
C ASP B 101 15.99 -4.93 -10.48
N LEU B 102 16.70 -4.40 -9.48
CA LEU B 102 16.09 -3.64 -8.39
C LEU B 102 16.35 -2.15 -8.55
N VAL B 103 16.93 -1.76 -9.68
CA VAL B 103 17.31 -0.38 -9.91
C VAL B 103 16.64 0.17 -11.16
N PHE B 104 15.95 1.29 -11.03
CA PHE B 104 15.16 1.82 -12.16
C PHE B 104 15.52 3.25 -12.49
N PRO B 105 16.58 3.42 -13.29
CA PRO B 105 16.92 4.79 -13.65
C PRO B 105 15.93 5.33 -14.68
N PHE B 106 15.85 6.67 -14.85
CA PHE B 106 15.07 7.25 -15.93
C PHE B 106 15.80 6.83 -17.20
N ASP B 107 15.09 6.70 -18.33
CA ASP B 107 15.78 6.25 -19.55
C ASP B 107 16.33 7.43 -20.35
N THR B 108 17.55 7.83 -20.00
CA THR B 108 18.25 8.96 -20.65
C THR B 108 19.17 8.48 -21.79
N SER B 109 18.98 7.22 -22.19
CA SER B 109 19.77 6.55 -23.22
C SER B 109 19.79 7.18 -24.60
N ALA B 110 18.88 8.10 -24.90
CA ALA B 110 18.88 8.78 -26.20
C ALA B 110 19.68 10.08 -26.08
N VAL B 111 19.75 10.65 -24.88
CA VAL B 111 20.52 11.88 -24.65
C VAL B 111 21.99 11.69 -25.00
N THR B 112 22.56 12.62 -25.78
CA THR B 112 23.99 12.55 -26.16
C THR B 112 24.74 13.80 -25.77
N PRO B 113 26.09 13.75 -25.79
CA PRO B 113 26.70 15.03 -25.38
C PRO B 113 26.75 16.04 -26.52
N SER B 114 26.35 15.61 -27.72
CA SER B 114 26.34 16.46 -28.91
C SER B 114 25.22 17.48 -28.96
N ALA B 115 24.22 17.35 -28.08
CA ALA B 115 23.08 18.25 -28.10
C ALA B 115 22.24 18.22 -26.84
N GLU B 116 21.68 19.38 -26.50
CA GLU B 116 20.85 19.51 -25.33
C GLU B 116 19.44 18.97 -25.58
N ALA B 117 18.97 18.18 -24.61
CA ALA B 117 17.63 17.61 -24.61
C ALA B 117 16.62 18.74 -24.65
N THR B 118 15.53 18.50 -25.36
CA THR B 118 14.43 19.47 -25.46
C THR B 118 13.34 19.05 -24.44
N SER B 119 12.32 19.90 -24.26
CA SER B 119 11.26 19.58 -23.28
C SER B 119 10.45 18.39 -23.81
N ALA B 120 10.41 18.22 -25.13
CA ALA B 120 9.70 17.09 -25.71
C ALA B 120 10.46 15.81 -25.41
N ASP B 121 11.80 15.88 -25.46
CA ASP B 121 12.63 14.72 -25.12
C ASP B 121 12.31 14.29 -23.70
N ALA B 122 12.29 15.27 -22.81
CA ALA B 122 12.00 15.09 -21.40
C ALA B 122 10.63 14.41 -21.21
N MET B 123 9.62 14.91 -21.90
CA MET B 123 8.28 14.32 -21.84
C MET B 123 8.28 12.85 -22.22
N ARG B 124 9.05 12.51 -23.26
CA ARG B 124 9.11 11.12 -23.69
C ARG B 124 9.71 10.29 -22.57
N VAL B 125 10.76 10.79 -21.94
CA VAL B 125 11.37 10.13 -20.81
C VAL B 125 10.38 10.05 -19.62
N ALA B 126 9.70 11.15 -19.30
CA ALA B 126 8.71 11.12 -18.20
C ALA B 126 7.58 10.09 -18.47
N GLU B 127 7.08 10.02 -19.72
CA GLU B 127 5.98 9.07 -20.06
C GLU B 127 6.39 7.64 -19.99
N ALA B 128 7.60 7.35 -20.46
CA ALA B 128 8.18 6.03 -20.38
C ALA B 128 8.35 5.60 -18.91
N TYR B 129 8.81 6.52 -18.06
CA TYR B 129 8.95 6.19 -16.63
C TYR B 129 7.59 6.00 -15.98
N GLY B 130 6.64 6.87 -16.30
CA GLY B 130 5.32 6.72 -15.75
C GLY B 130 4.73 5.33 -16.04
N LYS B 131 4.98 4.82 -17.25
CA LYS B 131 4.49 3.48 -17.62
C LYS B 131 5.13 2.38 -16.77
N GLN B 132 6.44 2.50 -16.51
CA GLN B 132 7.13 1.54 -15.68
C GLN B 132 6.59 1.62 -14.27
N LEU B 133 6.38 2.83 -13.79
CA LEU B 133 5.87 2.96 -12.42
C LEU B 133 4.51 2.32 -12.32
N ALA B 134 3.67 2.51 -13.34
CA ALA B 134 2.32 1.92 -13.35
C ALA B 134 2.26 0.38 -13.38
N SER B 135 3.27 -0.26 -13.92
CA SER B 135 3.26 -1.72 -13.89
C SER B 135 3.96 -2.33 -12.69
N LEU B 136 4.70 -1.52 -11.93
CA LEU B 136 5.42 -2.02 -10.75
C LEU B 136 4.83 -1.67 -9.40
N LEU B 137 4.19 -0.52 -9.31
CA LEU B 137 3.67 -0.07 -8.03
C LEU B 137 2.15 -0.12 -7.98
N PRO B 138 1.58 -0.12 -6.77
CA PRO B 138 0.12 0.00 -6.82
C PRO B 138 -0.29 1.40 -7.28
N LEU B 139 -1.51 1.50 -7.80
CA LEU B 139 -2.08 2.76 -8.29
C LEU B 139 -3.25 3.13 -7.41
N LYS B 140 -3.27 4.39 -7.02
CA LYS B 140 -4.30 4.89 -6.16
C LYS B 140 -4.95 6.11 -6.83
N SER B 141 -6.27 6.16 -6.75
CA SER B 141 -7.03 7.28 -7.33
C SER B 141 -6.70 8.53 -6.52
N VAL B 142 -6.46 9.66 -7.20
CA VAL B 142 -6.19 10.92 -6.51
C VAL B 142 -7.56 11.56 -6.31
N GLY B 143 -8.04 11.54 -5.07
CA GLY B 143 -9.37 12.02 -4.79
C GLY B 143 -10.30 10.85 -5.05
N GLU B 144 -11.58 11.08 -4.83
CA GLU B 144 -12.59 10.05 -5.01
C GLU B 144 -12.86 9.79 -6.50
N ALA B 145 -12.22 8.74 -7.03
CA ALA B 145 -12.34 8.35 -8.43
C ALA B 145 -11.40 9.09 -9.40
N GLY B 146 -10.49 9.88 -8.85
CA GLY B 146 -9.56 10.65 -9.67
C GLY B 146 -8.63 9.79 -10.52
N PRO B 147 -7.78 10.45 -11.34
CA PRO B 147 -6.84 9.61 -12.09
C PRO B 147 -5.93 8.89 -11.09
N LYS B 148 -5.33 7.80 -11.53
CA LYS B 148 -4.54 6.94 -10.65
C LYS B 148 -3.04 7.18 -10.73
N VAL B 149 -2.44 7.35 -9.57
CA VAL B 149 -1.00 7.55 -9.55
C VAL B 149 -0.36 6.41 -8.76
N PRO B 150 0.93 6.15 -8.99
CA PRO B 150 1.59 5.08 -8.24
C PRO B 150 1.88 5.48 -6.80
N VAL B 151 1.82 4.47 -5.95
CA VAL B 151 2.11 4.66 -4.57
C VAL B 151 3.49 4.16 -4.23
N PHE B 152 4.38 5.11 -3.92
CA PHE B 152 5.72 4.77 -3.49
C PHE B 152 5.66 4.47 -2.04
N ASP B 153 6.47 3.50 -1.59
CA ASP B 153 6.56 3.27 -0.16
C ASP B 153 7.29 4.45 0.51
N VAL B 154 8.41 4.85 -0.11
CA VAL B 154 9.25 5.95 0.37
C VAL B 154 9.59 6.92 -0.75
N VAL B 155 9.46 8.22 -0.48
CA VAL B 155 9.95 9.22 -1.44
C VAL B 155 10.91 10.05 -0.61
N LEU B 156 12.17 10.13 -1.04
CA LEU B 156 13.20 10.95 -0.37
C LEU B 156 13.29 12.31 -1.08
N LEU B 157 13.44 13.41 -0.35
CA LEU B 157 13.52 14.72 -0.96
C LEU B 157 14.48 15.61 -0.23
N GLY B 158 15.02 16.56 -0.99
CA GLY B 158 15.88 17.62 -0.51
C GLY B 158 15.14 18.92 -0.79
N LEU B 159 15.74 20.04 -0.44
CA LEU B 159 15.09 21.33 -0.64
C LEU B 159 16.08 22.31 -1.20
N GLY B 160 15.62 23.20 -2.07
CA GLY B 160 16.46 24.24 -2.64
C GLY B 160 16.21 25.53 -1.89
N SER B 161 17.14 26.48 -2.03
CA SER B 161 17.10 27.77 -1.35
C SER B 161 16.09 28.68 -2.02
N ASP B 162 15.66 28.28 -3.22
CA ASP B 162 14.57 28.95 -3.91
C ASP B 162 13.22 28.36 -3.48
N GLY B 163 13.25 27.34 -2.62
CA GLY B 163 12.03 26.70 -2.12
C GLY B 163 11.52 25.48 -2.88
N HIS B 164 12.20 25.07 -3.94
CA HIS B 164 11.74 23.88 -4.66
C HIS B 164 12.15 22.58 -4.01
N THR B 165 11.57 21.49 -4.49
CA THR B 165 11.88 20.11 -4.07
C THR B 165 11.84 19.27 -5.39
N ALA B 166 12.55 18.16 -5.45
CA ALA B 166 12.63 17.31 -6.67
C ALA B 166 13.05 18.26 -7.81
N SER B 167 12.44 18.17 -9.00
CA SER B 167 12.69 19.19 -10.02
C SER B 167 11.37 19.99 -10.23
N ILE B 168 10.76 20.39 -9.10
CA ILE B 168 9.48 21.11 -9.07
C ILE B 168 9.78 22.56 -8.69
N PHE B 169 10.01 23.38 -9.70
CA PHE B 169 10.41 24.77 -9.53
C PHE B 169 9.33 25.81 -9.28
N PRO B 170 9.72 26.94 -8.67
CA PRO B 170 8.66 27.93 -8.40
C PRO B 170 8.05 28.41 -9.72
N GLY B 171 6.73 28.64 -9.69
CA GLY B 171 5.97 29.16 -10.79
C GLY B 171 5.85 28.22 -11.96
N SER B 172 6.23 26.98 -11.76
CA SER B 172 6.30 26.04 -12.87
C SER B 172 5.00 25.34 -13.18
N GLN B 173 5.00 24.67 -14.31
CA GLN B 173 3.89 23.84 -14.73
C GLN B 173 3.89 22.60 -13.83
N ALA B 174 5.06 22.00 -13.59
CA ALA B 174 5.14 20.80 -12.75
C ALA B 174 4.43 21.03 -11.41
N GLU B 175 4.61 22.23 -10.83
CA GLU B 175 3.97 22.59 -9.58
C GLU B 175 2.46 22.53 -9.62
N LYS B 176 1.87 22.72 -10.81
CA LYS B 176 0.43 22.68 -11.02
C LYS B 176 -0.11 21.27 -11.21
N GLU B 177 0.79 20.30 -11.23
CA GLU B 177 0.39 18.93 -11.47
C GLU B 177 0.08 18.14 -10.20
N THR B 178 -1.09 18.44 -9.64
CA THR B 178 -1.55 17.98 -8.35
C THR B 178 -2.75 17.07 -8.34
N ASP B 179 -3.45 16.96 -9.46
CA ASP B 179 -4.70 16.16 -9.54
C ASP B 179 -4.57 14.68 -9.92
N GLY B 180 -3.38 14.27 -10.37
CA GLY B 180 -3.14 12.89 -10.75
C GLY B 180 -2.96 12.57 -12.21
N LYS B 181 -3.35 13.49 -13.10
CA LYS B 181 -3.29 13.21 -14.53
C LYS B 181 -1.86 13.03 -14.99
N VAL B 182 -0.97 13.81 -14.40
CA VAL B 182 0.47 13.72 -14.72
C VAL B 182 1.19 13.09 -13.52
N VAL B 183 1.72 11.91 -13.76
CA VAL B 183 2.51 11.16 -12.77
C VAL B 183 3.97 11.63 -12.73
N VAL B 184 4.56 11.75 -13.91
CA VAL B 184 5.90 12.25 -14.05
C VAL B 184 5.80 13.50 -14.90
N SER B 185 6.24 14.61 -14.31
CA SER B 185 6.24 15.89 -14.98
C SER B 185 7.63 16.21 -15.55
N VAL B 186 7.75 17.33 -16.26
CA VAL B 186 9.04 17.79 -16.75
C VAL B 186 9.17 19.23 -16.24
N GLY B 187 10.40 19.73 -16.08
CA GLY B 187 10.63 21.10 -15.64
C GLY B 187 11.97 21.61 -16.10
N PHE B 188 12.16 22.91 -16.08
CA PHE B 188 13.45 23.51 -16.44
C PHE B 188 13.86 24.43 -15.27
N PRO B 189 15.10 24.27 -14.74
CA PRO B 189 15.50 25.05 -13.55
C PRO B 189 15.15 26.55 -13.48
N SER B 190 14.99 27.04 -12.25
CA SER B 190 14.81 28.46 -11.95
C SER B 190 16.18 29.20 -12.04
N GLU B 191 16.16 30.52 -12.21
CA GLU B 191 17.39 31.32 -12.37
C GLU B 191 18.66 30.92 -11.57
N THR B 192 18.46 30.62 -10.28
CA THR B 192 19.54 30.30 -9.35
C THR B 192 19.97 28.83 -9.35
N MET B 193 19.33 28.00 -10.16
CA MET B 193 19.69 26.59 -10.17
C MET B 193 20.42 26.15 -11.44
N LYS B 194 21.29 25.17 -11.31
CA LYS B 194 22.06 24.63 -12.44
C LYS B 194 22.20 23.14 -12.08
N PRO B 195 22.49 22.29 -13.08
CA PRO B 195 22.67 22.65 -14.49
C PRO B 195 21.38 23.11 -15.19
N LYS B 196 21.56 23.84 -16.29
CA LYS B 196 20.45 24.39 -17.07
C LYS B 196 20.13 23.40 -18.16
N VAL B 197 19.44 22.34 -17.78
CA VAL B 197 19.04 21.29 -18.69
C VAL B 197 17.64 20.94 -18.20
N TRP B 198 16.83 20.36 -19.06
CA TRP B 198 15.49 19.93 -18.72
C TRP B 198 15.56 18.79 -17.69
N ARG B 199 14.55 18.72 -16.85
CA ARG B 199 14.46 17.68 -15.83
C ARG B 199 13.18 16.89 -16.02
N VAL B 200 13.19 15.68 -15.44
CA VAL B 200 12.03 14.84 -15.31
C VAL B 200 11.84 14.76 -13.79
N THR B 201 10.61 14.67 -13.33
CA THR B 201 10.38 14.68 -11.91
C THR B 201 9.05 14.07 -11.63
N LEU B 202 8.96 13.46 -10.45
CA LEU B 202 7.68 12.94 -10.01
C LEU B 202 6.90 14.22 -9.83
N SER B 203 5.61 14.14 -10.09
CA SER B 203 4.76 15.29 -9.95
C SER B 203 4.39 15.49 -8.48
N PRO B 204 3.85 16.67 -8.13
CA PRO B 204 3.36 16.85 -6.75
C PRO B 204 2.31 15.78 -6.41
N ALA B 205 1.42 15.50 -7.36
CA ALA B 205 0.40 14.46 -7.20
C ALA B 205 1.05 13.16 -6.80
N THR B 206 2.07 12.76 -7.54
CA THR B 206 2.73 11.52 -7.22
C THR B 206 3.30 11.48 -5.83
N ILE B 207 4.01 12.54 -5.49
CA ILE B 207 4.64 12.69 -4.18
C ILE B 207 3.63 12.62 -3.03
N MET B 208 2.49 13.28 -3.20
CA MET B 208 1.42 13.28 -2.18
C MET B 208 0.76 11.91 -1.95
N GLN B 209 0.96 10.95 -2.86
CA GLN B 209 0.38 9.61 -2.66
C GLN B 209 1.33 8.61 -1.98
N ALA B 210 2.57 9.02 -1.79
CA ALA B 210 3.55 8.18 -1.13
C ALA B 210 3.16 7.82 0.31
N ARG B 211 3.52 6.60 0.75
CA ARG B 211 3.26 6.18 2.12
C ARG B 211 4.15 6.93 3.09
N ASN B 212 5.39 7.19 2.66
CA ASN B 212 6.33 7.94 3.49
C ASN B 212 7.11 8.92 2.60
N VAL B 213 7.38 10.10 3.15
CA VAL B 213 8.18 11.13 2.48
C VAL B 213 9.15 11.59 3.55
N ILE B 214 10.42 11.62 3.21
CA ILE B 214 11.48 11.99 4.13
C ILE B 214 12.22 13.10 3.44
N VAL B 215 12.24 14.27 4.08
CA VAL B 215 12.90 15.47 3.57
C VAL B 215 14.19 15.65 4.38
N LEU B 216 15.29 15.68 3.64
CA LEU B 216 16.61 15.89 4.18
C LEU B 216 17.01 17.31 3.74
N ALA B 217 17.30 18.19 4.69
CA ALA B 217 17.72 19.53 4.33
C ALA B 217 18.56 20.22 5.39
N THR B 218 19.61 20.91 4.95
CA THR B 218 20.48 21.65 5.90
C THR B 218 20.70 23.09 5.42
N GLY B 219 21.23 23.95 6.30
CA GLY B 219 21.58 25.30 5.91
C GLY B 219 20.68 26.42 6.33
N ALA B 220 21.30 27.55 6.67
CA ALA B 220 20.59 28.76 7.06
C ALA B 220 19.83 29.34 5.84
N GLU B 221 20.46 29.23 4.67
CA GLU B 221 19.89 29.71 3.44
C GLU B 221 18.59 28.92 3.01
N LYS B 222 18.32 27.80 3.69
CA LYS B 222 17.09 27.05 3.44
C LYS B 222 16.07 27.17 4.57
N LYS B 223 16.41 27.93 5.60
CA LYS B 223 15.52 28.07 6.76
C LYS B 223 14.08 28.57 6.41
N TRP B 224 13.98 29.64 5.63
CA TRP B 224 12.67 30.17 5.23
C TRP B 224 11.79 29.14 4.47
N VAL B 225 12.43 28.17 3.83
CA VAL B 225 11.69 27.12 3.17
C VAL B 225 10.94 26.26 4.21
N VAL B 226 11.69 25.73 5.20
CA VAL B 226 11.11 24.91 6.26
C VAL B 226 10.00 25.70 6.98
N ASP B 227 10.33 26.91 7.44
CA ASP B 227 9.33 27.77 8.09
C ASP B 227 8.14 27.97 7.15
N GLY B 228 8.42 28.21 5.87
CA GLY B 228 7.37 28.39 4.87
C GLY B 228 6.40 27.22 4.74
N ILE B 229 6.91 26.01 4.92
CA ILE B 229 6.13 24.78 4.83
C ILE B 229 5.35 24.59 6.11
N LEU B 230 6.04 24.79 7.24
CA LEU B 230 5.48 24.59 8.58
C LEU B 230 4.46 25.60 9.08
N ALA B 231 4.55 26.84 8.59
CA ALA B 231 3.64 27.91 8.99
C ALA B 231 2.19 27.49 8.78
N ASP B 232 1.35 27.81 9.76
CA ASP B 232 -0.08 27.48 9.67
C ASP B 232 -0.75 28.23 8.52
N THR B 233 -0.20 29.38 8.18
CA THR B 233 -0.75 30.20 7.10
C THR B 233 0.21 30.31 5.92
N ALA B 234 -0.32 30.36 4.72
CA ALA B 234 0.55 30.51 3.57
C ALA B 234 0.77 32.00 3.35
N HIS B 235 2.01 32.38 3.14
CA HIS B 235 2.34 33.73 2.80
C HIS B 235 3.68 33.63 2.12
N LYS B 236 3.73 33.99 0.84
CA LYS B 236 4.95 33.92 0.04
C LYS B 236 5.50 32.51 0.21
N ALA B 237 4.59 31.54 0.23
CA ALA B 237 4.95 30.15 0.45
C ALA B 237 5.94 29.62 -0.57
N PRO B 238 6.81 28.69 -0.15
CA PRO B 238 7.74 27.96 -1.01
C PRO B 238 6.95 26.90 -1.77
N VAL B 239 7.48 26.51 -2.92
CA VAL B 239 6.84 25.45 -3.73
C VAL B 239 6.55 24.24 -2.84
N ALA B 240 7.52 23.87 -2.01
CA ALA B 240 7.49 22.66 -1.19
C ALA B 240 6.42 22.61 -0.11
N ARG B 241 5.72 23.71 0.08
CA ARG B 241 4.60 23.76 1.00
C ARG B 241 3.52 22.79 0.51
N PHE B 242 3.56 22.38 -0.78
CA PHE B 242 2.59 21.37 -1.22
C PHE B 242 2.67 20.08 -0.38
N LEU B 243 3.81 19.88 0.27
CA LEU B 243 4.00 18.68 1.09
C LEU B 243 3.04 18.57 2.27
N ARG B 244 2.40 19.69 2.61
CA ARG B 244 1.38 19.69 3.66
C ARG B 244 0.24 18.75 3.28
N GLY B 245 0.03 18.58 1.98
CA GLY B 245 -1.02 17.71 1.47
C GLY B 245 -0.65 16.26 1.31
N CYS B 246 0.56 15.86 1.72
CA CYS B 246 0.93 14.43 1.57
C CYS B 246 -0.03 13.55 2.37
N GLU B 247 -0.45 12.45 1.77
CA GLU B 247 -1.41 11.51 2.34
C GLU B 247 -0.76 10.54 3.30
N GLY B 248 0.55 10.46 3.24
CA GLY B 248 1.27 9.57 4.10
C GLY B 248 2.02 10.34 5.16
N ASN B 249 3.00 9.68 5.75
CA ASN B 249 3.83 10.28 6.79
C ASN B 249 4.88 11.16 6.19
N VAL B 250 5.05 12.35 6.77
CA VAL B 250 6.11 13.24 6.34
C VAL B 250 7.12 13.43 7.48
N SER B 251 8.41 13.42 7.15
CA SER B 251 9.43 13.61 8.18
C SER B 251 10.45 14.56 7.61
N PHE B 252 10.97 15.44 8.47
CA PHE B 252 12.00 16.39 8.12
C PHE B 252 13.22 16.07 8.97
N LEU B 253 14.39 15.95 8.33
CA LEU B 253 15.65 15.65 9.01
C LEU B 253 16.52 16.87 8.74
N LEU B 254 16.63 17.74 9.74
CA LEU B 254 17.32 19.02 9.60
C LEU B 254 18.59 19.15 10.39
N ASP B 255 19.39 20.18 10.07
CA ASP B 255 20.54 20.55 10.89
C ASP B 255 20.01 21.68 11.78
N LYS B 256 20.79 22.18 12.71
CA LYS B 256 20.24 23.22 13.57
C LYS B 256 20.14 24.60 12.92
N GLU B 257 20.94 24.84 11.87
CA GLU B 257 20.92 26.12 11.18
C GLU B 257 19.58 26.30 10.47
N ILE B 258 19.16 25.26 9.76
CA ILE B 258 17.90 25.31 9.03
C ILE B 258 16.70 25.28 9.96
N ALA B 259 16.91 24.71 11.15
CA ALA B 259 15.81 24.52 12.11
C ALA B 259 15.81 25.50 13.30
N GLU B 260 16.69 26.49 13.25
CA GLU B 260 16.81 27.50 14.29
C GLU B 260 15.48 28.16 14.68
N ASN B 261 14.47 28.12 13.82
CA ASN B 261 13.19 28.77 14.15
C ASN B 261 12.14 27.80 14.62
N LEU B 262 12.50 26.53 14.71
CA LEU B 262 11.54 25.51 15.15
C LEU B 262 11.26 25.62 16.64
N ALA B 263 10.12 26.23 16.97
CA ALA B 263 9.69 26.38 18.36
C ALA B 263 9.00 25.09 18.80
#